data_4ZV0
#
_entry.id   4ZV0
#
_cell.length_a   83.209
_cell.length_b   83.209
_cell.length_c   83.758
_cell.angle_alpha   90.00
_cell.angle_beta   90.00
_cell.angle_gamma   120.00
#
_symmetry.space_group_name_H-M   'P 65'
#
loop_
_entity.id
_entity.type
_entity.pdbx_description
1 polymer 'antibacterial effector secreted protein (type VI secretion system)'
2 polymer 'Tse6-binding/Tse6 immunity protein'
3 non-polymer 'IODIDE ION'
4 water water
#
loop_
_entity_poly.entity_id
_entity_poly.type
_entity_poly.pdbx_seq_one_letter_code
_entity_poly.pdbx_strand_id
1 'polypeptide(L)'
;(MSE)GSSHHHHHHSQDPHDINYRGNRETAAKFFKSKDIDPADAESY(MSE)NGLDFNHPVRVETLAPGKNLWQYQSPGA
PQGNWYTLSPRVQPTELGINP(MSE)GTNRAANTIEPKVLNSYRTTQKVEVLRSTAAPTDDFWSVKGQSYPAKGGAQQLF
SNEKGSFGLLPREGS
;
A
2 'polypeptide(L)'
;(MSE)TPIEYIDRALALVVDRLARYPGYEVLLSAEKQLQYIRSVLLDRSLDRSALHRLTLGSIAVKEFDETDPELSRALK
DAYYVGIRTGRGLKVDLP
;
B
#
# COMPACT_ATOMS: atom_id res chain seq x y z
N HIS A 15 -4.86 12.17 17.45
CA HIS A 15 -3.73 11.26 17.68
C HIS A 15 -2.70 11.92 18.58
N ASP A 16 -1.98 11.09 19.31
CA ASP A 16 -1.10 11.57 20.35
C ASP A 16 0.27 12.01 19.81
N ILE A 17 1.11 12.54 20.67
CA ILE A 17 2.38 13.13 20.26
C ILE A 17 3.33 12.11 19.65
N ASN A 18 3.26 10.85 20.09
CA ASN A 18 4.05 9.80 19.48
C ASN A 18 3.56 9.44 18.08
N TYR A 19 2.26 9.32 17.92
CA TYR A 19 1.69 8.97 16.61
C TYR A 19 2.06 10.08 15.62
N ARG A 20 1.90 11.33 16.02
CA ARG A 20 2.19 12.46 15.13
C ARG A 20 3.69 12.43 14.78
N GLY A 21 4.57 12.13 15.74
CA GLY A 21 5.99 12.04 15.44
C GLY A 21 6.31 10.92 14.46
N ASN A 22 5.65 9.77 14.62
CA ASN A 22 5.89 8.68 13.68
C ASN A 22 5.40 9.04 12.27
N ARG A 23 4.27 9.70 12.17
CA ARG A 23 3.79 10.21 10.90
C ARG A 23 4.78 11.16 10.28
N GLU A 24 5.32 12.09 11.04
CA GLU A 24 6.28 13.03 10.48
C GLU A 24 7.56 12.37 10.04
N THR A 25 8.02 11.35 10.76
CA THR A 25 9.22 10.60 10.35
C THR A 25 8.97 9.97 8.98
N ALA A 26 7.81 9.32 8.81
CA ALA A 26 7.48 8.69 7.54
C ALA A 26 7.33 9.73 6.43
N ALA A 27 6.66 10.85 6.69
CA ALA A 27 6.43 11.84 5.67
C ALA A 27 7.77 12.38 5.15
N LYS A 28 8.67 12.64 6.08
CA LYS A 28 9.99 13.18 5.72
C LYS A 28 10.77 12.15 4.89
N PHE A 29 10.72 10.89 5.30
CA PHE A 29 11.42 9.83 4.59
C PHE A 29 10.90 9.73 3.17
N PHE A 30 9.57 9.60 3.01
CA PHE A 30 9.02 9.42 1.65
C PHE A 30 9.34 10.62 0.76
N LYS A 31 9.24 11.84 1.29
CA LYS A 31 9.57 13.03 0.51
C LYS A 31 11.02 12.95 0.00
N SER A 32 11.92 12.47 0.87
CA SER A 32 13.36 12.41 0.53
C SER A 32 13.66 11.37 -0.54
N LYS A 33 12.71 10.48 -0.78
CA LYS A 33 12.83 9.38 -1.74
C LYS A 33 11.90 9.55 -2.96
N ASP A 34 11.67 10.82 -3.27
CA ASP A 34 10.99 11.25 -4.49
C ASP A 34 9.54 10.81 -4.63
N ILE A 35 8.83 10.75 -3.52
CA ILE A 35 7.40 10.50 -3.53
C ILE A 35 6.74 11.84 -3.17
N ASP A 36 5.78 12.28 -3.98
N ASP A 36 5.78 12.27 -3.99
CA ASP A 36 5.16 13.58 -3.73
CA ASP A 36 5.14 13.57 -3.77
C ASP A 36 4.15 13.50 -2.58
C ASP A 36 4.11 13.50 -2.64
N PRO A 37 3.70 14.66 -2.09
CA PRO A 37 2.91 14.63 -0.86
C PRO A 37 1.57 13.92 -0.96
N ALA A 38 0.86 14.00 -2.07
CA ALA A 38 -0.41 13.29 -2.17
C ALA A 38 -0.17 11.80 -2.21
N ASP A 39 0.81 11.34 -2.99
CA ASP A 39 1.07 9.90 -3.06
C ASP A 39 1.63 9.40 -1.73
N ALA A 40 2.38 10.25 -1.03
CA ALA A 40 2.96 9.84 0.23
C ALA A 40 1.90 9.41 1.23
N GLU A 41 0.70 9.97 1.12
CA GLU A 41 -0.39 9.54 1.98
C GLU A 41 -0.70 8.05 1.80
N SER A 42 -0.66 7.55 0.56
CA SER A 42 -0.90 6.15 0.33
C SER A 42 0.19 5.27 0.92
N TYR A 43 1.44 5.65 0.74
CA TYR A 43 2.55 4.92 1.35
C TYR A 43 2.42 4.92 2.85
N ASN A 45 -0.35 5.02 4.57
CA ASN A 45 -1.45 4.15 4.84
C ASN A 45 -1.02 2.68 5.02
N GLY A 46 0.14 2.34 4.54
CA GLY A 46 0.72 1.04 4.83
C GLY A 46 1.40 0.87 6.18
N LEU A 47 1.44 1.91 6.97
CA LEU A 47 2.11 1.91 8.30
C LEU A 47 1.12 2.13 9.38
N ASP A 48 1.39 1.58 10.55
CA ASP A 48 0.59 1.80 11.75
C ASP A 48 1.37 2.75 12.66
N PHE A 49 0.96 4.01 12.73
CA PHE A 49 1.69 5.03 13.47
C PHE A 49 1.52 4.91 14.99
N ASN A 50 0.68 3.98 15.45
CA ASN A 50 0.62 3.64 16.86
C ASN A 50 1.83 2.82 17.36
N HIS A 51 2.67 2.36 16.43
CA HIS A 51 3.92 1.67 16.75
C HIS A 51 5.10 2.47 16.23
N PRO A 52 6.27 2.27 16.80
CA PRO A 52 7.40 3.11 16.39
C PRO A 52 7.66 3.06 14.92
N VAL A 53 7.99 4.20 14.34
CA VAL A 53 8.53 4.35 12.99
C VAL A 53 9.88 5.00 13.13
N ARG A 54 10.89 4.39 12.57
CA ARG A 54 12.25 4.87 12.68
C ARG A 54 12.97 4.67 11.36
N VAL A 55 13.95 5.52 11.07
CA VAL A 55 14.82 5.35 9.90
C VAL A 55 16.09 4.67 10.38
N GLU A 56 16.52 3.66 9.65
CA GLU A 56 17.77 2.94 9.96
C GLU A 56 18.60 2.85 8.71
N THR A 57 19.90 2.70 8.86
CA THR A 57 20.76 2.38 7.72
C THR A 57 21.22 0.96 7.82
N LEU A 58 20.93 0.17 6.79
CA LEU A 58 21.39 -1.19 6.72
C LEU A 58 22.77 -1.20 6.10
N ALA A 59 23.62 -2.08 6.59
CA ALA A 59 24.90 -2.30 5.96
C ALA A 59 24.74 -3.36 4.87
N PRO A 60 25.74 -3.48 3.98
CA PRO A 60 25.72 -4.55 2.98
C PRO A 60 25.67 -5.90 3.70
N GLY A 61 25.09 -6.88 3.03
CA GLY A 61 25.06 -8.23 3.54
C GLY A 61 23.87 -8.61 4.40
N LYS A 62 22.86 -7.75 4.48
CA LYS A 62 21.70 -8.06 5.28
C LYS A 62 20.71 -8.81 4.41
N ASN A 63 20.33 -10.00 4.86
CA ASN A 63 19.31 -10.79 4.19
C ASN A 63 17.92 -10.29 4.56
N LEU A 64 17.07 -10.15 3.53
CA LEU A 64 15.67 -9.73 3.66
C LEU A 64 14.81 -10.59 2.75
N TRP A 65 13.50 -10.51 2.96
CA TRP A 65 12.58 -11.25 2.11
C TRP A 65 11.49 -10.33 1.58
N GLN A 66 10.85 -10.70 0.48
CA GLN A 66 9.80 -9.87 -0.12
C GLN A 66 8.81 -10.78 -0.80
N TYR A 67 7.53 -10.64 -0.49
CA TYR A 67 6.44 -11.29 -1.26
C TYR A 67 6.13 -10.51 -2.51
N GLN A 68 5.90 -11.25 -3.58
CA GLN A 68 5.54 -10.63 -4.85
C GLN A 68 4.54 -11.56 -5.56
N SER A 69 3.70 -10.96 -6.39
CA SER A 69 2.92 -11.78 -7.30
C SER A 69 3.85 -12.57 -8.23
N PRO A 70 3.41 -13.73 -8.67
CA PRO A 70 4.21 -14.44 -9.66
C PRO A 70 4.35 -13.63 -10.93
N GLY A 71 5.54 -13.58 -11.49
CA GLY A 71 5.72 -12.81 -12.72
C GLY A 71 5.87 -11.32 -12.55
N ALA A 72 6.06 -10.86 -11.34
CA ALA A 72 6.16 -9.45 -11.08
C ALA A 72 7.57 -9.06 -10.75
N PRO A 73 7.96 -7.81 -11.06
CA PRO A 73 9.29 -7.34 -10.68
C PRO A 73 9.38 -6.96 -9.19
N GLN A 74 10.61 -6.64 -8.81
CA GLN A 74 10.97 -6.28 -7.45
C GLN A 74 10.15 -5.10 -6.96
N GLY A 75 9.67 -5.17 -5.71
CA GLY A 75 8.98 -4.10 -5.06
C GLY A 75 9.81 -3.36 -4.02
N ASN A 76 9.10 -2.63 -3.18
CA ASN A 76 9.69 -1.71 -2.19
C ASN A 76 9.54 -2.12 -0.74
N TRP A 77 8.82 -3.18 -0.46
CA TRP A 77 8.52 -3.60 0.90
C TRP A 77 9.19 -4.88 1.24
N TYR A 78 9.86 -4.97 2.38
CA TYR A 78 10.62 -6.14 2.81
C TYR A 78 10.22 -6.62 4.20
N THR A 79 10.39 -7.89 4.47
CA THR A 79 10.19 -8.48 5.77
C THR A 79 11.55 -8.93 6.28
N LEU A 80 11.66 -9.03 7.61
CA LEU A 80 12.91 -9.36 8.26
C LEU A 80 13.15 -10.84 8.40
N SER A 81 12.13 -11.64 8.13
CA SER A 81 12.24 -13.08 8.29
C SER A 81 11.34 -13.80 7.33
N PRO A 82 11.77 -14.97 6.83
CA PRO A 82 10.90 -15.71 5.90
C PRO A 82 9.72 -16.40 6.59
N ARG A 83 9.67 -16.32 7.93
CA ARG A 83 8.58 -16.94 8.66
C ARG A 83 7.33 -16.07 8.72
N VAL A 84 7.52 -14.79 8.43
CA VAL A 84 6.41 -13.84 8.51
C VAL A 84 5.44 -14.10 7.36
N GLN A 85 4.17 -14.19 7.67
CA GLN A 85 3.16 -14.50 6.67
C GLN A 85 2.52 -13.26 6.11
N PRO A 86 1.95 -13.36 4.91
CA PRO A 86 1.41 -12.17 4.24
C PRO A 86 0.38 -11.40 5.03
N THR A 87 -0.57 -12.05 5.68
CA THR A 87 -1.63 -11.26 6.26
C THR A 87 -1.10 -10.24 7.29
N GLU A 88 -0.15 -10.66 8.10
CA GLU A 88 0.37 -9.77 9.15
C GLU A 88 1.16 -8.62 8.57
N LEU A 89 1.63 -8.73 7.35
CA LEU A 89 2.28 -7.66 6.63
C LEU A 89 1.33 -6.75 5.88
N GLY A 90 0.02 -7.00 5.96
CA GLY A 90 -0.95 -6.22 5.24
C GLY A 90 -1.09 -6.55 3.77
N ILE A 91 -0.72 -7.78 3.40
CA ILE A 91 -0.90 -8.19 2.05
C ILE A 91 -1.65 -9.47 1.93
N ASN A 92 -2.28 -9.66 0.78
CA ASN A 92 -3.02 -10.86 0.55
C ASN A 92 -2.07 -12.02 0.23
N PRO A 93 -2.37 -13.23 0.71
CA PRO A 93 -1.52 -14.37 0.35
C PRO A 93 -1.58 -14.76 -1.13
N GLY A 95 -1.72 -13.54 -5.20
CA GLY A 95 -1.40 -12.50 -6.17
C GLY A 95 -1.95 -12.82 -7.54
N THR A 96 -1.48 -12.04 -8.50
CA THR A 96 -1.98 -12.10 -9.87
C THR A 96 -0.88 -12.53 -10.82
N ASN A 97 -1.12 -13.65 -11.51
CA ASN A 97 -0.29 -14.10 -12.61
C ASN A 97 -0.85 -13.48 -13.88
N ARG A 98 -0.24 -12.38 -14.31
CA ARG A 98 -0.78 -11.57 -15.42
C ARG A 98 -0.75 -12.31 -16.76
N ALA A 99 0.29 -13.05 -17.07
CA ALA A 99 0.37 -13.75 -18.36
C ALA A 99 -0.75 -14.80 -18.45
N ALA A 100 -1.09 -15.44 -17.33
CA ALA A 100 -2.09 -16.52 -17.32
C ALA A 100 -3.50 -16.08 -16.94
N ASN A 101 -3.63 -14.85 -16.42
CA ASN A 101 -4.90 -14.35 -15.92
C ASN A 101 -5.44 -15.22 -14.79
N THR A 102 -4.58 -15.53 -13.84
CA THR A 102 -4.95 -16.38 -12.74
C THR A 102 -4.57 -15.74 -11.41
N ILE A 103 -5.24 -16.20 -10.35
CA ILE A 103 -4.90 -15.85 -9.00
C ILE A 103 -4.12 -17.03 -8.45
N GLU A 104 -2.92 -16.73 -7.98
CA GLU A 104 -2.01 -17.77 -7.50
C GLU A 104 -1.26 -17.26 -6.29
N PRO A 105 -0.73 -18.16 -5.47
CA PRO A 105 -0.02 -17.71 -4.28
C PRO A 105 1.12 -16.77 -4.58
N LYS A 106 1.27 -15.75 -3.74
CA LYS A 106 2.46 -14.90 -3.77
C LYS A 106 3.71 -15.77 -3.62
N VAL A 107 4.77 -15.31 -4.26
CA VAL A 107 6.07 -15.94 -4.16
C VAL A 107 6.91 -15.21 -3.14
N LEU A 108 7.61 -15.93 -2.28
CA LEU A 108 8.56 -15.32 -1.35
C LEU A 108 9.96 -15.32 -1.90
N ASN A 109 10.48 -14.14 -2.21
CA ASN A 109 11.83 -14.03 -2.73
C ASN A 109 12.77 -13.54 -1.70
N SER A 110 14.05 -13.85 -1.85
CA SER A 110 15.09 -13.47 -0.91
C SER A 110 15.98 -12.44 -1.57
N TYR A 111 16.39 -11.46 -0.79
CA TYR A 111 17.28 -10.40 -1.25
C TYR A 111 18.37 -10.22 -0.22
N ARG A 112 19.43 -9.57 -0.64
CA ARG A 112 20.53 -9.21 0.26
C ARG A 112 21.01 -7.83 -0.09
N THR A 113 21.16 -6.96 0.91
CA THR A 113 21.62 -5.63 0.63
C THR A 113 23.02 -5.67 0.01
N THR A 114 23.24 -4.83 -1.00
CA THR A 114 24.51 -4.77 -1.70
C THR A 114 25.32 -3.53 -1.41
N GLN A 115 24.70 -2.57 -0.74
CA GLN A 115 25.21 -1.22 -0.52
C GLN A 115 24.62 -0.79 0.81
N LYS A 116 25.26 0.15 1.51
CA LYS A 116 24.55 0.80 2.62
C LYS A 116 23.28 1.45 2.09
N VAL A 117 22.17 1.36 2.84
CA VAL A 117 20.91 1.90 2.35
C VAL A 117 20.05 2.27 3.54
N GLU A 118 19.40 3.43 3.47
CA GLU A 118 18.49 3.85 4.51
C GLU A 118 17.12 3.24 4.26
N VAL A 119 16.51 2.72 5.32
CA VAL A 119 15.18 2.13 5.22
C VAL A 119 14.29 2.71 6.27
N LEU A 120 13.01 2.71 5.95
CA LEU A 120 11.99 3.09 6.90
C LEU A 120 11.45 1.85 7.58
N ARG A 121 11.61 1.75 8.89
CA ARG A 121 11.18 0.58 9.66
C ARG A 121 9.92 0.91 10.40
N SER A 122 8.93 0.04 10.35
CA SER A 122 7.62 0.28 10.94
C SER A 122 6.90 -1.03 11.14
N THR A 123 5.69 -0.96 11.66
CA THR A 123 4.74 -2.07 11.75
C THR A 123 3.65 -1.84 10.75
N ALA A 124 3.29 -2.89 10.03
CA ALA A 124 2.21 -2.86 9.05
C ALA A 124 0.93 -2.61 9.73
N ALA A 125 0.13 -1.88 8.95
CA ALA A 125 -1.28 -1.94 9.17
C ALA A 125 -1.79 -3.37 8.65
N PRO A 126 -2.10 -4.34 9.56
CA PRO A 126 -2.36 -5.63 8.91
C PRO A 126 -3.79 -5.75 8.39
N THR A 127 -4.07 -6.82 7.67
CA THR A 127 -5.36 -6.97 7.02
C THR A 127 -6.40 -7.57 8.00
N ASP A 128 -7.48 -6.83 8.29
CA ASP A 128 -8.62 -7.35 9.08
C ASP A 128 -9.90 -7.42 8.24
N ASP A 129 -11.04 -7.78 8.84
CA ASP A 129 -12.22 -8.11 8.04
C ASP A 129 -13.24 -6.96 7.87
N PHE A 130 -12.87 -5.74 8.27
CA PHE A 130 -13.80 -4.61 8.24
C PHE A 130 -14.43 -4.34 6.85
N TRP A 131 -13.63 -4.43 5.81
CA TRP A 131 -14.10 -4.19 4.46
C TRP A 131 -14.28 -5.50 3.70
N SER A 132 -14.29 -6.59 4.45
CA SER A 132 -14.34 -7.91 3.84
C SER A 132 -15.72 -8.50 4.06
N GLY A 142 -1.97 -9.21 15.31
CA GLY A 142 -1.05 -8.09 15.30
C GLY A 142 -0.31 -7.95 13.99
N GLY A 143 0.12 -6.72 13.69
CA GLY A 143 0.88 -6.41 12.49
C GLY A 143 2.34 -6.85 12.65
N ALA A 144 2.93 -7.19 11.52
CA ALA A 144 4.35 -7.51 11.45
C ALA A 144 5.18 -6.29 11.12
N GLN A 145 6.46 -6.36 11.45
CA GLN A 145 7.38 -5.33 11.08
C GLN A 145 7.71 -5.44 9.59
N GLN A 146 8.04 -4.29 9.03
CA GLN A 146 8.34 -4.18 7.64
C GLN A 146 9.39 -3.14 7.43
N LEU A 147 10.11 -3.25 6.32
CA LEU A 147 11.02 -2.21 5.86
C LEU A 147 10.54 -1.68 4.53
N PHE A 148 10.70 -0.39 4.31
CA PHE A 148 10.46 0.21 2.99
C PHE A 148 11.71 0.86 2.45
N SER A 149 12.03 0.52 1.18
CA SER A 149 13.00 1.28 0.41
C SER A 149 12.68 1.13 -1.03
N ASN A 150 12.63 2.25 -1.74
CA ASN A 150 12.45 2.27 -3.21
C ASN A 150 13.79 2.37 -3.94
N GLU A 151 14.90 2.15 -3.26
CA GLU A 151 16.22 2.11 -3.90
C GLU A 151 16.49 0.67 -4.27
N LYS A 152 15.81 0.22 -5.33
CA LYS A 152 15.80 -1.19 -5.68
C LYS A 152 17.18 -1.79 -5.91
N GLY A 153 18.07 -0.97 -6.45
CA GLY A 153 19.40 -1.46 -6.79
C GLY A 153 20.30 -1.75 -5.60
N SER A 154 19.84 -1.36 -4.41
CA SER A 154 20.59 -1.65 -3.19
C SER A 154 20.23 -3.00 -2.57
N PHE A 155 19.30 -3.74 -3.18
CA PHE A 155 18.86 -5.03 -2.68
C PHE A 155 18.98 -6.01 -3.85
N GLY A 156 19.86 -6.97 -3.71
CA GLY A 156 20.11 -7.92 -4.79
C GLY A 156 19.30 -9.20 -4.63
N LEU A 157 18.61 -9.58 -5.70
CA LEU A 157 17.84 -10.83 -5.72
C LEU A 157 18.74 -12.06 -5.56
N LEU A 158 18.38 -12.94 -4.64
CA LEU A 158 19.13 -14.18 -4.44
C LEU A 158 18.45 -15.33 -5.19
N PRO A 159 19.21 -16.37 -5.57
CA PRO A 159 18.63 -17.59 -6.17
C PRO A 159 17.56 -18.23 -5.30
N ARG A 160 16.48 -18.71 -5.93
CA ARG A 160 15.33 -19.32 -5.24
C ARG A 160 15.20 -20.80 -5.56
N THR B 2 -13.19 15.75 -11.50
CA THR B 2 -13.84 16.06 -10.24
C THR B 2 -13.60 14.95 -9.23
N PRO B 3 -13.86 15.20 -7.93
CA PRO B 3 -13.66 14.07 -6.98
C PRO B 3 -14.49 12.85 -7.33
N ILE B 4 -15.75 12.99 -7.69
CA ILE B 4 -16.55 11.80 -8.08
C ILE B 4 -15.96 11.13 -9.29
N GLU B 5 -15.43 11.87 -10.25
CA GLU B 5 -14.81 11.24 -11.42
C GLU B 5 -13.58 10.44 -11.00
N TYR B 6 -12.79 10.91 -10.05
CA TYR B 6 -11.64 10.10 -9.60
C TYR B 6 -12.15 8.80 -8.97
N ILE B 7 -13.22 8.81 -8.20
CA ILE B 7 -13.75 7.59 -7.61
C ILE B 7 -14.34 6.68 -8.69
N ASP B 8 -15.08 7.22 -9.66
CA ASP B 8 -15.65 6.37 -10.70
C ASP B 8 -14.59 5.83 -11.65
N ARG B 9 -13.49 6.53 -11.84
CA ARG B 9 -12.37 6.02 -12.60
C ARG B 9 -11.76 4.82 -11.91
N ALA B 10 -11.55 4.91 -10.62
CA ALA B 10 -11.02 3.81 -9.84
C ALA B 10 -12.02 2.66 -9.88
N LEU B 11 -13.30 2.89 -9.73
CA LEU B 11 -14.30 1.82 -9.78
C LEU B 11 -14.32 1.17 -11.15
N ALA B 12 -14.16 1.92 -12.21
CA ALA B 12 -14.12 1.32 -13.55
C ALA B 12 -12.96 0.39 -13.67
N LEU B 13 -11.79 0.79 -13.19
CA LEU B 13 -10.61 -0.07 -13.27
C LEU B 13 -10.78 -1.26 -12.36
N VAL B 14 -11.29 -1.13 -11.15
CA VAL B 14 -11.48 -2.26 -10.28
C VAL B 14 -12.43 -3.25 -10.91
N VAL B 15 -13.52 -2.80 -11.50
CA VAL B 15 -14.46 -3.70 -12.17
C VAL B 15 -13.80 -4.40 -13.35
N ASP B 16 -13.00 -3.68 -14.13
CA ASP B 16 -12.29 -4.31 -15.24
C ASP B 16 -11.36 -5.41 -14.73
N ARG B 17 -10.61 -5.14 -13.66
CA ARG B 17 -9.68 -6.11 -13.12
C ARG B 17 -10.44 -7.27 -12.50
N LEU B 18 -11.63 -7.08 -11.94
CA LEU B 18 -12.41 -8.20 -11.42
C LEU B 18 -12.89 -9.10 -12.53
N ALA B 19 -13.10 -8.60 -13.73
CA ALA B 19 -13.40 -9.48 -14.86
C ALA B 19 -12.18 -10.33 -15.22
N ARG B 20 -10.97 -9.80 -15.01
N ARG B 20 -10.96 -9.81 -15.05
CA ARG B 20 -9.78 -10.57 -15.28
CA ARG B 20 -9.75 -10.63 -15.27
C ARG B 20 -9.51 -11.60 -14.17
C ARG B 20 -9.59 -11.67 -14.16
N TYR B 21 -9.79 -11.24 -12.92
CA TYR B 21 -9.55 -12.06 -11.74
C TYR B 21 -10.82 -12.18 -10.85
N PRO B 22 -11.82 -12.93 -11.28
CA PRO B 22 -13.10 -12.87 -10.58
C PRO B 22 -12.97 -13.33 -9.13
N GLY B 23 -13.59 -12.59 -8.25
CA GLY B 23 -13.62 -12.96 -6.85
C GLY B 23 -12.37 -12.55 -6.08
N TYR B 24 -11.41 -11.89 -6.70
CA TYR B 24 -10.15 -11.65 -6.01
C TYR B 24 -10.40 -10.72 -4.83
N GLU B 25 -10.11 -11.18 -3.61
CA GLU B 25 -10.48 -10.43 -2.42
C GLU B 25 -9.92 -9.04 -2.33
N VAL B 26 -8.70 -8.81 -2.84
CA VAL B 26 -8.12 -7.47 -2.80
C VAL B 26 -9.01 -6.51 -3.57
N LEU B 27 -9.44 -6.92 -4.73
CA LEU B 27 -10.29 -6.07 -5.55
C LEU B 27 -11.69 -5.93 -4.99
N LEU B 28 -12.23 -6.96 -4.36
CA LEU B 28 -13.56 -6.83 -3.73
C LEU B 28 -13.48 -5.81 -2.59
N SER B 29 -12.39 -5.82 -1.83
CA SER B 29 -12.20 -4.87 -0.75
C SER B 29 -12.10 -3.48 -1.30
N ALA B 30 -11.28 -3.31 -2.33
CA ALA B 30 -11.11 -1.98 -2.94
C ALA B 30 -12.43 -1.47 -3.46
N GLU B 31 -13.27 -2.30 -4.04
CA GLU B 31 -14.57 -1.88 -4.56
C GLU B 31 -15.42 -1.34 -3.42
N LYS B 32 -15.46 -2.08 -2.32
CA LYS B 32 -16.30 -1.66 -1.20
C LYS B 32 -15.85 -0.34 -0.63
N GLN B 33 -14.54 -0.13 -0.53
CA GLN B 33 -14.02 1.10 -0.02
C GLN B 33 -14.29 2.26 -0.95
N LEU B 34 -14.14 2.05 -2.23
CA LEU B 34 -14.48 3.09 -3.23
C LEU B 34 -15.94 3.46 -3.18
N GLN B 35 -16.84 2.49 -3.06
CA GLN B 35 -18.26 2.78 -2.94
C GLN B 35 -18.54 3.59 -1.67
N TYR B 36 -17.85 3.27 -0.58
CA TYR B 36 -18.05 4.04 0.64
C TYR B 36 -17.64 5.49 0.42
N ILE B 37 -16.46 5.72 -0.13
CA ILE B 37 -16.03 7.09 -0.42
C ILE B 37 -17.07 7.81 -1.29
N ARG B 38 -17.54 7.12 -2.32
CA ARG B 38 -18.49 7.68 -3.25
C ARG B 38 -19.71 8.14 -2.49
N SER B 39 -20.19 7.32 -1.56
CA SER B 39 -21.39 7.64 -0.84
C SER B 39 -21.20 8.92 -0.03
N VAL B 40 -20.08 9.06 0.66
CA VAL B 40 -19.89 10.23 1.55
C VAL B 40 -19.61 11.49 0.71
N LEU B 41 -19.03 11.36 -0.46
CA LEU B 41 -18.88 12.49 -1.38
C LEU B 41 -20.25 13.00 -1.82
N LEU B 42 -21.17 12.10 -2.12
CA LEU B 42 -22.45 12.48 -2.65
C LEU B 42 -23.44 12.93 -1.59
N ASP B 43 -23.27 12.43 -0.36
CA ASP B 43 -24.16 12.78 0.73
C ASP B 43 -23.40 13.09 2.00
N ARG B 44 -23.31 14.37 2.32
CA ARG B 44 -22.58 14.88 3.47
C ARG B 44 -23.20 14.53 4.79
N SER B 45 -24.42 14.05 4.78
CA SER B 45 -25.06 13.68 6.04
C SER B 45 -24.69 12.27 6.53
N LEU B 46 -24.07 11.48 5.67
CA LEU B 46 -23.67 10.13 6.07
C LEU B 46 -22.48 10.16 7.00
N ASP B 47 -22.44 9.19 7.90
CA ASP B 47 -21.30 9.07 8.80
C ASP B 47 -19.99 8.87 8.07
N ARG B 48 -18.98 9.64 8.45
CA ARG B 48 -17.66 9.62 7.83
C ARG B 48 -16.59 8.98 8.68
N SER B 49 -16.96 8.31 9.76
CA SER B 49 -15.93 7.73 10.63
C SER B 49 -15.06 6.71 9.90
N ALA B 50 -15.63 5.96 8.97
CA ALA B 50 -14.89 4.88 8.32
C ALA B 50 -13.87 5.38 7.36
N LEU B 51 -13.85 6.66 7.02
CA LEU B 51 -12.79 7.20 6.18
C LEU B 51 -11.43 6.92 6.87
N HIS B 52 -11.34 7.05 8.17
CA HIS B 52 -10.03 6.77 8.75
C HIS B 52 -9.69 5.27 8.89
N ARG B 53 -10.53 4.38 8.39
CA ARG B 53 -10.25 2.96 8.37
C ARG B 53 -9.93 2.50 6.95
N LEU B 54 -9.84 3.43 5.98
CA LEU B 54 -9.51 3.03 4.60
C LEU B 54 -8.12 2.40 4.57
N THR B 55 -8.03 1.39 3.69
CA THR B 55 -6.73 0.70 3.41
C THR B 55 -6.39 0.84 1.93
N LEU B 56 -7.09 1.67 1.14
CA LEU B 56 -6.87 1.75 -0.28
C LEU B 56 -5.48 2.14 -0.69
N GLY B 57 -4.86 3.02 0.09
CA GLY B 57 -3.52 3.47 -0.18
C GLY B 57 -2.55 2.31 -0.04
N SER B 58 -2.68 1.58 1.06
CA SER B 58 -1.86 0.40 1.31
C SER B 58 -2.06 -0.62 0.21
N ILE B 59 -3.29 -0.85 -0.22
CA ILE B 59 -3.56 -1.76 -1.33
C ILE B 59 -2.82 -1.28 -2.57
N ALA B 60 -2.93 0.00 -2.91
CA ALA B 60 -2.26 0.52 -4.08
C ALA B 60 -0.78 0.23 -4.07
N VAL B 61 -0.07 0.47 -2.97
CA VAL B 61 1.36 0.41 -2.96
C VAL B 61 1.83 -1.00 -2.65
N LYS B 62 1.14 -1.78 -1.84
CA LYS B 62 1.64 -3.13 -1.48
C LYS B 62 1.18 -4.18 -2.47
N GLU B 63 0.06 -3.99 -3.15
CA GLU B 63 -0.47 -4.99 -4.07
C GLU B 63 -0.17 -4.64 -5.51
N PHE B 64 -0.26 -3.38 -5.90
CA PHE B 64 -0.33 -3.05 -7.34
C PHE B 64 0.79 -2.14 -7.89
N ASP B 65 1.72 -1.66 -7.07
CA ASP B 65 2.70 -0.70 -7.54
C ASP B 65 3.52 -1.26 -8.67
N GLU B 66 3.76 -2.57 -8.71
CA GLU B 66 4.54 -3.21 -9.80
C GLU B 66 3.66 -3.91 -10.79
N THR B 67 2.64 -4.60 -10.34
CA THR B 67 1.82 -5.42 -11.22
C THR B 67 0.83 -4.58 -12.03
N ASP B 68 0.34 -3.46 -11.54
CA ASP B 68 -0.72 -2.71 -12.21
C ASP B 68 -0.63 -1.24 -11.88
N PRO B 69 0.40 -0.57 -12.45
CA PRO B 69 0.58 0.85 -12.15
C PRO B 69 -0.66 1.68 -12.52
N GLU B 70 -1.44 1.34 -13.55
CA GLU B 70 -2.64 2.10 -13.88
C GLU B 70 -3.63 2.04 -12.73
N LEU B 71 -3.87 0.85 -12.19
CA LEU B 71 -4.74 0.71 -11.03
C LEU B 71 -4.17 1.34 -9.80
N SER B 72 -2.87 1.17 -9.57
CA SER B 72 -2.24 1.78 -8.41
C SER B 72 -2.43 3.27 -8.42
N ARG B 73 -2.22 3.93 -9.56
CA ARG B 73 -2.43 5.37 -9.68
C ARG B 73 -3.86 5.73 -9.32
N ALA B 74 -4.84 5.01 -9.86
CA ALA B 74 -6.24 5.35 -9.62
C ALA B 74 -6.58 5.15 -8.15
N LEU B 75 -6.01 4.16 -7.47
CA LEU B 75 -6.29 3.90 -6.09
C LEU B 75 -5.58 4.90 -5.18
N LYS B 76 -4.38 5.34 -5.53
CA LYS B 76 -3.68 6.38 -4.78
C LYS B 76 -4.54 7.64 -4.82
N ASP B 77 -5.01 8.01 -5.99
CA ASP B 77 -5.78 9.23 -6.14
C ASP B 77 -7.11 9.12 -5.40
N ALA B 78 -7.77 7.97 -5.44
CA ALA B 78 -9.04 7.78 -4.73
C ALA B 78 -8.84 7.83 -3.22
N TYR B 79 -7.78 7.19 -2.75
CA TYR B 79 -7.44 7.25 -1.33
C TYR B 79 -7.24 8.70 -0.89
N TYR B 80 -6.55 9.47 -1.72
CA TYR B 80 -6.30 10.90 -1.41
C TYR B 80 -7.63 11.63 -1.37
N VAL B 81 -8.55 11.38 -2.30
CA VAL B 81 -9.89 11.97 -2.24
C VAL B 81 -10.55 11.65 -0.89
N GLY B 82 -10.49 10.39 -0.49
CA GLY B 82 -11.06 9.95 0.78
C GLY B 82 -10.50 10.66 1.98
N ILE B 83 -9.20 10.71 2.08
CA ILE B 83 -8.61 11.29 3.30
C ILE B 83 -8.71 12.78 3.32
N ARG B 84 -8.66 13.46 2.17
CA ARG B 84 -8.87 14.90 2.18
C ARG B 84 -10.30 15.20 2.56
N THR B 85 -11.24 14.40 2.09
CA THR B 85 -12.64 14.56 2.45
C THR B 85 -12.80 14.39 3.98
N GLY B 86 -12.20 13.35 4.52
CA GLY B 86 -12.30 13.04 5.94
C GLY B 86 -11.70 14.12 6.78
N ARG B 87 -10.65 14.75 6.29
CA ARG B 87 -9.95 15.79 7.03
C ARG B 87 -10.50 17.18 6.81
N GLY B 88 -11.58 17.29 6.02
CA GLY B 88 -12.23 18.57 5.74
C GLY B 88 -11.45 19.53 4.86
N LEU B 89 -10.63 18.98 3.98
CA LEU B 89 -9.74 19.78 3.15
C LEU B 89 -10.18 19.67 1.68
N LYS B 90 -9.86 20.70 0.90
CA LYS B 90 -10.08 20.65 -0.53
C LYS B 90 -9.36 19.46 -1.14
N VAL B 91 -10.04 18.78 -2.04
CA VAL B 91 -9.41 17.76 -2.88
C VAL B 91 -8.61 18.49 -3.96
N ASP B 92 -7.32 18.67 -3.71
CA ASP B 92 -6.49 19.48 -4.57
C ASP B 92 -5.73 18.63 -5.57
N LEU B 93 -6.50 17.85 -6.30
CA LEU B 93 -6.02 17.11 -7.46
C LEU B 93 -6.51 17.83 -8.71
N PRO B 94 -5.77 17.68 -9.81
CA PRO B 94 -6.16 18.36 -11.05
C PRO B 94 -7.39 17.76 -11.74
#